data_3VJR
#
_entry.id   3VJR
#
_cell.length_a   55.070
_cell.length_b   55.070
_cell.length_c   413.100
_cell.angle_alpha   90.00
_cell.angle_beta   90.00
_cell.angle_gamma   120.00
#
_symmetry.space_group_name_H-M   'P 61'
#
loop_
_entity.id
_entity.type
_entity.pdbx_description
1 polymer 'Peptidyl-tRNA hydrolase'
2 polymer 'tRNA CCA-acceptor'
3 water water
#
loop_
_entity_poly.entity_id
_entity_poly.type
_entity_poly.pdbx_seq_one_letter_code
_entity_poly.pdbx_strand_id
1 'polypeptide(L)'
;GSHMTIKLIVGLANPGAEYAATRHNAGAWFVDLLAERLRAPLREEAKFFGYTSRVTLGGEDVRLLVPTTFMNLSGKAVAA
MASFFRINPDEILVAHDELDLPPGVAKFKLGGGHGGHNGLKDIISKLGNNPNFHRLRIGIGHPGDKNKVVGFVLGKPPVS
EQKLIDEAIDEAARCTEMWFTDGLTKATNRLHAFKAQ
;
A,C
2 'polyribonucleotide' GGGGGCUAAGCGGUUCGAUCCCGCUUAGCUCCACCA B,D
#
# COMPACT_ATOMS: atom_id res chain seq x y z
N THR A 5 2.78 13.06 -23.12
CA THR A 5 3.20 12.20 -24.28
C THR A 5 3.49 10.71 -23.90
N ILE A 6 3.05 9.78 -24.74
CA ILE A 6 3.17 8.34 -24.47
C ILE A 6 4.21 7.71 -25.39
N LYS A 7 5.07 6.85 -24.84
CA LYS A 7 6.18 6.26 -25.62
C LYS A 7 6.12 4.72 -25.69
N LEU A 8 5.39 4.12 -24.75
CA LEU A 8 5.25 2.68 -24.67
C LEU A 8 3.80 2.31 -24.41
N ILE A 9 3.30 1.37 -25.21
CA ILE A 9 1.93 0.88 -25.06
C ILE A 9 1.95 -0.62 -24.85
N VAL A 10 1.44 -1.09 -23.73
CA VAL A 10 1.55 -2.50 -23.34
C VAL A 10 0.20 -3.22 -23.32
N GLY A 11 0.15 -4.44 -23.85
CA GLY A 11 -1.05 -5.28 -23.85
C GLY A 11 -0.81 -6.56 -23.05
N LEU A 12 -1.55 -6.72 -21.96
CA LEU A 12 -1.28 -7.79 -21.00
C LEU A 12 -1.90 -9.11 -21.37
N ALA A 13 -1.17 -10.19 -21.09
CA ALA A 13 -1.52 -11.52 -21.56
C ALA A 13 -0.86 -12.60 -20.73
N ASN A 14 -1.47 -13.79 -20.74
CA ASN A 14 -0.77 -15.02 -20.48
C ASN A 14 -0.34 -15.64 -21.82
N PRO A 15 0.73 -16.44 -21.82
CA PRO A 15 1.20 -17.00 -23.10
C PRO A 15 0.49 -18.28 -23.48
N GLY A 16 0.51 -18.62 -24.77
CA GLY A 16 0.00 -19.90 -25.23
C GLY A 16 -1.45 -19.92 -25.69
N ALA A 17 -1.75 -20.86 -26.58
CA ALA A 17 -3.05 -20.95 -27.24
C ALA A 17 -4.22 -21.12 -26.28
N GLU A 18 -3.98 -21.76 -25.14
CA GLU A 18 -5.05 -21.98 -24.18
C GLU A 18 -5.47 -20.72 -23.38
N TYR A 19 -4.79 -19.60 -23.60
CA TYR A 19 -5.10 -18.34 -22.91
C TYR A 19 -5.44 -17.17 -23.87
N ALA A 20 -5.09 -17.33 -25.14
CA ALA A 20 -5.29 -16.29 -26.18
C ALA A 20 -6.74 -15.77 -26.23
N ALA A 21 -7.69 -16.66 -26.00
CA ALA A 21 -9.10 -16.34 -26.09
C ALA A 21 -9.73 -15.88 -24.76
N THR A 22 -8.93 -15.83 -23.69
CA THR A 22 -9.48 -15.56 -22.36
C THR A 22 -9.59 -14.08 -22.01
N ARG A 23 -10.48 -13.77 -21.08
CA ARG A 23 -10.73 -12.38 -20.68
C ARG A 23 -9.46 -11.66 -20.23
N HIS A 24 -8.59 -12.40 -19.53
CA HIS A 24 -7.34 -11.86 -18.98
C HIS A 24 -6.33 -11.47 -20.05
N ASN A 25 -6.60 -11.82 -21.32
CA ASN A 25 -5.78 -11.36 -22.46
C ASN A 25 -6.33 -10.14 -23.22
N ALA A 26 -7.38 -9.50 -22.70
CA ALA A 26 -8.02 -8.37 -23.37
C ALA A 26 -7.06 -7.26 -23.76
N GLY A 27 -6.13 -6.93 -22.87
CA GLY A 27 -5.05 -6.00 -23.17
C GLY A 27 -4.29 -6.35 -24.43
N ALA A 28 -3.91 -7.61 -24.60
CA ALA A 28 -3.23 -8.07 -25.82
C ALA A 28 -4.13 -8.01 -27.05
N TRP A 29 -5.44 -8.26 -26.88
CA TRP A 29 -6.37 -8.13 -28.01
C TRP A 29 -6.27 -6.72 -28.51
N PHE A 30 -6.24 -5.78 -27.57
CA PHE A 30 -6.17 -4.37 -27.88
C PHE A 30 -4.91 -4.02 -28.65
N VAL A 31 -3.75 -4.43 -28.13
CA VAL A 31 -2.48 -4.10 -28.80
C VAL A 31 -2.36 -4.83 -30.14
N ASP A 32 -2.81 -6.08 -30.20
CA ASP A 32 -2.86 -6.78 -31.51
C ASP A 32 -3.65 -6.00 -32.55
N LEU A 33 -4.80 -5.45 -32.15
CA LEU A 33 -5.64 -4.70 -33.10
C LEU A 33 -4.93 -3.42 -33.47
N LEU A 34 -4.31 -2.79 -32.47
CA LEU A 34 -3.64 -1.53 -32.68
C LEU A 34 -2.45 -1.68 -33.62
N ALA A 35 -1.72 -2.78 -33.50
CA ALA A 35 -0.60 -3.11 -34.41
C ALA A 35 -1.07 -3.33 -35.85
N GLU A 36 -2.23 -3.96 -35.99
CA GLU A 36 -2.86 -4.14 -37.27
C GLU A 36 -3.32 -2.80 -37.87
N ARG A 37 -4.04 -1.99 -37.08
CA ARG A 37 -4.52 -0.67 -37.54
C ARG A 37 -3.37 0.23 -37.97
N LEU A 38 -2.24 0.12 -37.29
CA LEU A 38 -1.08 0.95 -37.54
C LEU A 38 -0.10 0.30 -38.52
N ARG A 39 -0.42 -0.94 -38.93
CA ARG A 39 0.39 -1.69 -39.88
C ARG A 39 1.83 -1.87 -39.43
N ALA A 40 1.95 -2.34 -38.19
CA ALA A 40 3.22 -2.74 -37.62
C ALA A 40 3.01 -4.07 -36.92
N PRO A 41 2.95 -5.17 -37.69
CA PRO A 41 2.81 -6.49 -37.05
C PRO A 41 3.91 -6.71 -35.99
N LEU A 42 3.54 -7.34 -34.87
CA LEU A 42 4.46 -7.53 -33.76
C LEU A 42 5.46 -8.65 -34.04
N ARG A 43 6.72 -8.45 -33.64
CA ARG A 43 7.71 -9.52 -33.71
C ARG A 43 8.31 -9.86 -32.35
N GLU A 44 8.62 -11.15 -32.15
CA GLU A 44 9.19 -11.61 -30.88
C GLU A 44 10.61 -11.07 -30.66
N GLU A 45 10.83 -10.56 -29.46
CA GLU A 45 12.14 -10.07 -29.07
C GLU A 45 12.50 -10.56 -27.67
N ALA A 46 13.40 -11.55 -27.63
CA ALA A 46 13.70 -12.29 -26.41
C ALA A 46 14.11 -11.41 -25.22
N LYS A 47 14.94 -10.40 -25.46
CA LYS A 47 15.46 -9.56 -24.37
C LYS A 47 14.41 -8.66 -23.73
N PHE A 48 13.31 -8.41 -24.46
CA PHE A 48 12.23 -7.62 -23.91
C PHE A 48 11.09 -8.50 -23.38
N PHE A 49 11.27 -9.82 -23.47
CA PHE A 49 10.32 -10.80 -22.95
C PHE A 49 8.92 -10.55 -23.53
N GLY A 50 8.87 -10.27 -24.84
CA GLY A 50 7.61 -10.01 -25.50
C GLY A 50 7.68 -9.80 -27.01
N TYR A 51 6.51 -9.60 -27.60
CA TYR A 51 6.37 -9.15 -28.97
C TYR A 51 6.35 -7.62 -28.98
N THR A 52 6.97 -7.02 -29.99
CA THR A 52 7.13 -5.57 -30.06
C THR A 52 7.03 -5.04 -31.47
N SER A 53 6.63 -3.79 -31.59
CA SER A 53 6.70 -3.04 -32.83
C SER A 53 7.04 -1.60 -32.52
N ARG A 54 7.50 -0.91 -33.55
CA ARG A 54 7.76 0.52 -33.47
C ARG A 54 6.75 1.15 -34.42
N VAL A 55 6.07 2.20 -33.96
CA VAL A 55 5.10 2.94 -34.78
C VAL A 55 5.30 4.44 -34.64
N THR A 56 4.76 5.18 -35.60
CA THR A 56 4.82 6.63 -35.56
C THR A 56 3.42 7.16 -35.27
N LEU A 57 3.32 7.95 -34.20
CA LEU A 57 2.06 8.50 -33.72
C LEU A 57 2.29 9.92 -33.26
N GLY A 58 1.47 10.86 -33.74
CA GLY A 58 1.70 12.30 -33.52
C GLY A 58 3.16 12.70 -33.67
N GLY A 59 3.79 12.27 -34.76
CA GLY A 59 5.16 12.68 -35.08
C GLY A 59 6.32 11.95 -34.42
N GLU A 60 6.04 11.15 -33.38
CA GLU A 60 7.11 10.52 -32.58
C GLU A 60 7.08 8.97 -32.59
N ASP A 61 8.23 8.37 -32.24
CA ASP A 61 8.36 6.93 -32.04
C ASP A 61 7.54 6.44 -30.83
N VAL A 62 6.66 5.48 -31.07
CA VAL A 62 5.97 4.78 -29.98
C VAL A 62 6.19 3.27 -30.12
N ARG A 63 6.45 2.60 -29.00
CA ARG A 63 6.62 1.16 -29.03
C ARG A 63 5.44 0.37 -28.45
N LEU A 64 5.15 -0.76 -29.10
CA LEU A 64 4.07 -1.66 -28.72
C LEU A 64 4.65 -2.90 -28.07
N LEU A 65 4.04 -3.39 -27.00
CA LEU A 65 4.55 -4.57 -26.29
C LEU A 65 3.43 -5.48 -25.85
N VAL A 66 3.52 -6.75 -26.20
CA VAL A 66 2.72 -7.79 -25.56
C VAL A 66 3.71 -8.75 -24.93
N PRO A 67 3.78 -8.74 -23.59
CA PRO A 67 4.71 -9.67 -22.92
C PRO A 67 4.40 -11.13 -23.26
N THR A 68 5.43 -11.97 -23.24
CA THR A 68 5.28 -13.39 -23.44
C THR A 68 5.53 -14.11 -22.12
N THR A 69 5.80 -13.33 -21.08
CA THR A 69 5.92 -13.87 -19.72
C THR A 69 4.53 -14.29 -19.27
N PHE A 70 4.46 -15.06 -18.20
CA PHE A 70 3.18 -15.23 -17.53
C PHE A 70 2.70 -13.85 -17.06
N MET A 71 1.38 -13.73 -16.87
CA MET A 71 0.80 -12.46 -16.43
C MET A 71 1.51 -11.88 -15.20
N ASN A 72 1.78 -12.72 -14.22
CA ASN A 72 2.36 -12.22 -12.98
C ASN A 72 3.82 -11.78 -13.10
N LEU A 73 4.41 -11.95 -14.28
CA LEU A 73 5.77 -11.47 -14.55
C LEU A 73 5.84 -10.41 -15.66
N SER A 74 4.71 -9.77 -15.91
CA SER A 74 4.59 -8.72 -16.92
C SER A 74 5.58 -7.58 -16.71
N GLY A 75 5.87 -7.29 -15.44
CA GLY A 75 6.79 -6.22 -15.09
C GLY A 75 8.17 -6.39 -15.70
N LYS A 76 8.62 -7.64 -15.79
CA LYS A 76 9.94 -7.92 -16.36
C LYS A 76 10.03 -7.43 -17.81
N ALA A 77 8.93 -7.56 -18.54
CA ALA A 77 8.85 -7.07 -19.91
C ALA A 77 8.73 -5.55 -19.98
N VAL A 78 7.82 -4.98 -19.18
CA VAL A 78 7.66 -3.52 -19.09
C VAL A 78 8.98 -2.83 -18.64
N ALA A 79 9.56 -3.31 -17.53
CA ALA A 79 10.81 -2.72 -16.98
C ALA A 79 11.97 -2.83 -17.97
N ALA A 80 12.01 -3.90 -18.73
CA ALA A 80 13.11 -4.09 -19.69
C ALA A 80 13.02 -3.12 -20.86
N MET A 81 11.82 -2.94 -21.42
CA MET A 81 11.62 -2.00 -22.50
C MET A 81 11.78 -0.55 -22.04
N ALA A 82 11.20 -0.25 -20.88
CA ALA A 82 11.26 1.10 -20.32
C ALA A 82 12.71 1.49 -20.09
N SER A 83 13.46 0.59 -19.45
CA SER A 83 14.88 0.81 -19.18
C SER A 83 15.70 1.00 -20.45
N PHE A 84 15.54 0.11 -21.42
CA PHE A 84 16.32 0.18 -22.67
C PHE A 84 16.06 1.50 -23.38
N PHE A 85 14.80 1.92 -23.42
CA PHE A 85 14.43 3.12 -24.15
C PHE A 85 14.38 4.41 -23.32
N ARG A 86 14.76 4.32 -22.05
CA ARG A 86 14.74 5.44 -21.11
C ARG A 86 13.34 6.08 -21.05
N ILE A 87 12.34 5.24 -20.81
CA ILE A 87 10.94 5.66 -20.80
C ILE A 87 10.49 5.77 -19.34
N ASN A 88 9.90 6.90 -18.99
CA ASN A 88 9.39 7.10 -17.64
C ASN A 88 8.03 6.42 -17.45
N PRO A 89 7.69 6.05 -16.20
CA PRO A 89 6.39 5.44 -15.92
C PRO A 89 5.21 6.20 -16.52
N ASP A 90 5.18 7.53 -16.36
CA ASP A 90 4.05 8.29 -16.90
C ASP A 90 4.02 8.41 -18.44
N GLU A 91 4.97 7.75 -19.10
CA GLU A 91 4.97 7.68 -20.54
C GLU A 91 4.55 6.30 -20.99
N ILE A 92 4.06 5.50 -20.05
CA ILE A 92 3.61 4.16 -20.35
C ILE A 92 2.09 4.05 -20.27
N LEU A 93 1.52 3.36 -21.26
CA LEU A 93 0.10 3.04 -21.29
C LEU A 93 -0.01 1.53 -21.28
N VAL A 94 -0.69 1.01 -20.25
CA VAL A 94 -0.89 -0.41 -20.07
C VAL A 94 -2.37 -0.73 -20.25
N ALA A 95 -2.67 -1.55 -21.26
CA ALA A 95 -4.04 -1.97 -21.54
C ALA A 95 -4.26 -3.31 -20.89
N HIS A 96 -5.37 -3.42 -20.16
CA HIS A 96 -5.66 -4.64 -19.39
C HIS A 96 -7.17 -4.87 -19.22
N ASP A 97 -7.54 -6.10 -18.90
CA ASP A 97 -8.92 -6.42 -18.57
C ASP A 97 -9.29 -5.77 -17.23
N GLU A 98 -10.53 -5.30 -17.13
CA GLU A 98 -11.02 -4.61 -15.93
C GLU A 98 -12.36 -5.20 -15.47
N LEU A 99 -12.37 -5.81 -14.29
CA LEU A 99 -13.57 -6.44 -13.72
C LEU A 99 -14.68 -5.45 -13.37
N ASP A 100 -14.32 -4.22 -13.02
CA ASP A 100 -15.30 -3.27 -12.48
C ASP A 100 -15.99 -2.42 -13.57
N LEU A 101 -15.79 -2.81 -14.83
CA LEU A 101 -16.51 -2.20 -15.94
C LEU A 101 -17.11 -3.34 -16.75
N PRO A 102 -18.30 -3.11 -17.33
CA PRO A 102 -18.92 -4.21 -18.09
C PRO A 102 -18.31 -4.38 -19.47
N PRO A 103 -18.49 -5.56 -20.11
CA PRO A 103 -18.15 -5.71 -21.51
C PRO A 103 -18.74 -4.56 -22.32
N GLY A 104 -17.92 -3.95 -23.18
CA GLY A 104 -18.38 -2.89 -24.06
C GLY A 104 -18.09 -1.49 -23.58
N VAL A 105 -17.33 -1.41 -22.48
CA VAL A 105 -16.89 -0.14 -21.92
C VAL A 105 -15.37 -0.20 -21.74
N ALA A 106 -14.69 0.93 -21.95
CA ALA A 106 -13.28 1.00 -21.67
C ALA A 106 -12.92 2.40 -21.22
N LYS A 107 -11.98 2.52 -20.29
CA LYS A 107 -11.66 3.84 -19.75
C LYS A 107 -10.17 4.11 -19.62
N PHE A 108 -9.81 5.38 -19.79
CA PHE A 108 -8.44 5.83 -19.43
C PHE A 108 -8.32 6.10 -17.94
N LYS A 109 -7.12 5.97 -17.43
CA LYS A 109 -6.82 6.18 -16.01
C LYS A 109 -5.33 6.46 -15.88
N LEU A 110 -5.00 7.43 -15.03
CA LEU A 110 -3.62 7.69 -14.66
C LEU A 110 -3.41 7.37 -13.19
N GLY A 111 -2.49 6.44 -12.91
CA GLY A 111 -2.15 6.10 -11.53
C GLY A 111 -3.18 5.24 -10.80
N GLY A 112 -3.00 5.11 -9.50
CA GLY A 112 -3.96 4.39 -8.66
C GLY A 112 -3.69 2.90 -8.57
N GLY A 113 -4.72 2.16 -8.16
CA GLY A 113 -4.53 0.78 -7.75
C GLY A 113 -4.52 -0.22 -8.87
N HIS A 114 -4.30 -1.47 -8.49
CA HIS A 114 -4.25 -2.59 -9.44
C HIS A 114 -5.53 -3.39 -9.40
N GLY A 115 -6.34 -3.16 -8.37
CA GLY A 115 -7.58 -3.88 -8.17
C GLY A 115 -7.44 -5.39 -8.11
N GLY A 116 -6.26 -5.88 -7.67
CA GLY A 116 -6.00 -7.31 -7.58
C GLY A 116 -5.49 -7.93 -8.87
N HIS A 117 -5.31 -7.11 -9.90
CA HIS A 117 -4.82 -7.59 -11.19
C HIS A 117 -3.36 -7.99 -11.09
N ASN A 118 -3.06 -9.28 -11.20
CA ASN A 118 -1.69 -9.78 -10.98
C ASN A 118 -0.67 -9.21 -11.96
N GLY A 119 -1.13 -8.90 -13.17
CA GLY A 119 -0.32 -8.23 -14.20
C GLY A 119 0.09 -6.84 -13.79
N LEU A 120 -0.88 -6.03 -13.36
CA LEU A 120 -0.62 -4.67 -12.88
C LEU A 120 0.20 -4.66 -11.59
N LYS A 121 -0.08 -5.60 -10.69
CA LYS A 121 0.71 -5.72 -9.44
C LYS A 121 2.20 -5.81 -9.77
N ASP A 122 2.55 -6.71 -10.67
CA ASP A 122 3.95 -6.95 -11.01
C ASP A 122 4.60 -5.77 -11.71
N ILE A 123 3.83 -5.06 -12.53
CA ILE A 123 4.34 -3.88 -13.22
C ILE A 123 4.64 -2.78 -12.19
N ILE A 124 3.69 -2.50 -11.31
CA ILE A 124 3.89 -1.58 -10.20
C ILE A 124 5.17 -1.93 -9.43
N SER A 125 5.34 -3.21 -9.10
CA SER A 125 6.51 -3.65 -8.34
C SER A 125 7.81 -3.45 -9.11
N LYS A 126 7.80 -3.78 -10.40
CA LYS A 126 9.05 -3.79 -11.18
C LYS A 126 9.43 -2.45 -11.82
N LEU A 127 8.53 -1.49 -11.69
CA LEU A 127 8.81 -0.09 -12.04
C LEU A 127 9.33 0.67 -10.81
N GLY A 128 9.49 -0.06 -9.71
CA GLY A 128 10.00 0.48 -8.43
C GLY A 128 8.93 0.89 -7.44
N ASN A 129 7.93 0.03 -7.25
CA ASN A 129 6.71 0.37 -6.49
C ASN A 129 6.09 1.70 -6.95
N ASN A 130 5.97 1.83 -8.28
CA ASN A 130 5.43 3.04 -8.90
C ASN A 130 4.17 2.74 -9.74
N PRO A 131 3.00 3.17 -9.25
CA PRO A 131 1.74 2.96 -9.96
C PRO A 131 1.43 4.05 -10.98
N ASN A 132 2.28 5.07 -11.06
CA ASN A 132 2.00 6.24 -11.88
C ASN A 132 2.22 6.08 -13.37
N PHE A 133 1.55 5.11 -13.94
CA PHE A 133 1.53 4.94 -15.39
C PHE A 133 0.09 5.01 -15.86
N HIS A 134 -0.11 5.27 -17.14
CA HIS A 134 -1.46 5.39 -17.68
C HIS A 134 -2.04 3.99 -17.90
N ARG A 135 -3.36 3.87 -17.91
CA ARG A 135 -3.99 2.57 -18.18
C ARG A 135 -5.17 2.70 -19.12
N LEU A 136 -5.42 1.63 -19.86
CA LEU A 136 -6.63 1.49 -20.60
C LEU A 136 -7.35 0.30 -19.99
N ARG A 137 -8.50 0.56 -19.39
CA ARG A 137 -9.23 -0.44 -18.63
C ARG A 137 -10.33 -0.99 -19.50
N ILE A 138 -10.17 -2.24 -19.91
CA ILE A 138 -11.13 -2.86 -20.82
C ILE A 138 -12.12 -3.71 -20.05
N GLY A 139 -13.37 -3.28 -20.02
CA GLY A 139 -14.37 -3.91 -19.20
C GLY A 139 -14.59 -5.35 -19.60
N ILE A 140 -14.58 -6.24 -18.62
CA ILE A 140 -14.94 -7.62 -18.85
C ILE A 140 -16.07 -8.08 -17.95
N GLY A 141 -16.52 -7.22 -17.05
CA GLY A 141 -17.57 -7.58 -16.09
C GLY A 141 -16.99 -8.44 -15.00
N HIS A 142 -17.80 -8.80 -14.03
CA HIS A 142 -17.34 -9.56 -12.88
C HIS A 142 -18.16 -10.84 -12.78
N PRO A 143 -17.61 -11.90 -12.15
CA PRO A 143 -18.39 -13.12 -11.97
C PRO A 143 -19.45 -12.95 -10.88
N GLY A 144 -20.46 -13.81 -10.89
CA GLY A 144 -21.45 -13.89 -9.82
C GLY A 144 -20.85 -14.06 -8.43
N ASP A 145 -19.94 -15.01 -8.29
CA ASP A 145 -19.31 -15.32 -7.00
C ASP A 145 -17.85 -14.85 -7.00
N LYS A 146 -17.49 -14.03 -6.02
CA LYS A 146 -16.16 -13.43 -5.96
C LYS A 146 -15.02 -14.43 -5.73
N ASN A 147 -15.37 -15.63 -5.23
CA ASN A 147 -14.39 -16.72 -5.11
C ASN A 147 -14.00 -17.30 -6.48
N LYS A 148 -14.87 -17.10 -7.47
CA LYS A 148 -14.67 -17.65 -8.83
C LYS A 148 -13.99 -16.68 -9.81
N VAL A 149 -13.23 -15.73 -9.29
CA VAL A 149 -12.59 -14.72 -10.15
C VAL A 149 -11.46 -15.26 -11.03
N VAL A 150 -10.66 -16.18 -10.49
CA VAL A 150 -9.59 -16.82 -11.26
C VAL A 150 -10.18 -17.59 -12.45
N GLY A 151 -11.22 -18.37 -12.19
CA GLY A 151 -11.94 -19.10 -13.24
C GLY A 151 -12.50 -18.14 -14.27
N PHE A 152 -12.98 -16.98 -13.80
CA PHE A 152 -13.59 -15.98 -14.65
C PHE A 152 -12.61 -15.30 -15.61
N VAL A 153 -11.52 -14.76 -15.09
CA VAL A 153 -10.56 -14.07 -15.96
C VAL A 153 -9.80 -15.02 -16.89
N LEU A 154 -9.62 -16.27 -16.44
CA LEU A 154 -8.99 -17.30 -17.26
C LEU A 154 -10.01 -18.04 -18.10
N GLY A 155 -11.22 -17.49 -18.17
CA GLY A 155 -12.31 -18.03 -18.97
C GLY A 155 -12.47 -17.34 -20.32
N LYS A 156 -13.01 -18.09 -21.27
CA LYS A 156 -13.36 -17.57 -22.58
C LYS A 156 -14.74 -16.89 -22.48
N PRO A 157 -14.82 -15.60 -22.82
CA PRO A 157 -16.13 -14.95 -22.68
C PRO A 157 -17.11 -15.53 -23.71
N PRO A 158 -18.40 -15.62 -23.35
CA PRO A 158 -19.35 -16.05 -24.39
C PRO A 158 -19.44 -15.02 -25.50
N VAL A 159 -19.80 -15.49 -26.69
CA VAL A 159 -19.91 -14.66 -27.87
C VAL A 159 -20.49 -13.27 -27.59
N SER A 160 -21.62 -13.20 -26.90
CA SER A 160 -22.28 -11.90 -26.63
C SER A 160 -21.37 -10.89 -25.90
N GLU A 161 -20.62 -11.35 -24.91
CA GLU A 161 -19.71 -10.47 -24.18
C GLU A 161 -18.46 -10.17 -25.02
N GLN A 162 -17.99 -11.18 -25.74
CA GLN A 162 -16.84 -11.00 -26.61
C GLN A 162 -17.09 -9.90 -27.64
N LYS A 163 -18.26 -9.88 -28.27
CA LYS A 163 -18.56 -8.85 -29.27
C LYS A 163 -18.48 -7.45 -28.67
N LEU A 164 -19.04 -7.29 -27.48
CA LEU A 164 -19.00 -5.99 -26.79
C LEU A 164 -17.57 -5.58 -26.44
N ILE A 165 -16.76 -6.52 -25.95
CA ILE A 165 -15.35 -6.25 -25.65
C ILE A 165 -14.63 -5.81 -26.93
N ASP A 166 -14.86 -6.53 -28.03
CA ASP A 166 -14.27 -6.15 -29.30
C ASP A 166 -14.71 -4.78 -29.82
N GLU A 167 -15.96 -4.42 -29.59
CA GLU A 167 -16.42 -3.09 -29.89
C GLU A 167 -15.74 -2.02 -29.04
N ALA A 168 -15.61 -2.28 -27.73
CA ALA A 168 -14.91 -1.34 -26.85
C ALA A 168 -13.45 -1.17 -27.24
N ILE A 169 -12.82 -2.27 -27.65
CA ILE A 169 -11.40 -2.23 -28.03
C ILE A 169 -11.19 -1.45 -29.33
N ASP A 170 -12.09 -1.69 -30.28
CA ASP A 170 -12.15 -0.96 -31.53
C ASP A 170 -12.21 0.55 -31.26
N GLU A 171 -13.12 0.97 -30.38
CA GLU A 171 -13.25 2.38 -30.05
C GLU A 171 -12.03 2.87 -29.27
N ALA A 172 -11.51 2.03 -28.37
CA ALA A 172 -10.33 2.38 -27.59
C ALA A 172 -9.10 2.58 -28.47
N ALA A 173 -8.95 1.75 -29.51
CA ALA A 173 -7.90 1.93 -30.51
C ALA A 173 -7.98 3.30 -31.18
N ARG A 174 -9.16 3.64 -31.70
CA ARG A 174 -9.39 4.94 -32.33
C ARG A 174 -9.08 6.12 -31.39
N CYS A 175 -9.55 6.01 -30.15
CA CYS A 175 -9.30 7.04 -29.14
C CYS A 175 -7.84 7.11 -28.71
N THR A 176 -7.15 5.97 -28.75
CA THR A 176 -5.71 5.98 -28.49
C THR A 176 -4.98 6.78 -29.56
N GLU A 177 -5.36 6.58 -30.82
CA GLU A 177 -4.81 7.37 -31.93
C GLU A 177 -5.16 8.84 -31.76
N MET A 178 -6.40 9.11 -31.34
CA MET A 178 -6.85 10.48 -31.14
C MET A 178 -6.08 11.19 -30.02
N TRP A 179 -5.62 10.42 -29.05
CA TRP A 179 -4.81 10.95 -27.95
C TRP A 179 -3.55 11.61 -28.51
N PHE A 180 -2.91 10.92 -29.46
CA PHE A 180 -1.69 11.42 -30.08
C PHE A 180 -1.87 12.64 -31.01
N THR A 181 -3.01 12.74 -31.69
CA THR A 181 -3.21 13.84 -32.63
C THR A 181 -3.99 15.02 -32.03
N ASP A 182 -4.79 14.78 -31.01
CA ASP A 182 -5.66 15.80 -30.45
C ASP A 182 -5.58 15.95 -28.92
N GLY A 183 -4.86 15.07 -28.23
CA GLY A 183 -4.67 15.18 -26.78
C GLY A 183 -5.60 14.30 -25.95
N LEU A 184 -5.17 14.00 -24.73
CA LEU A 184 -5.90 13.10 -23.82
C LEU A 184 -7.30 13.60 -23.45
N THR A 185 -7.46 14.91 -23.32
CA THR A 185 -8.77 15.45 -22.96
C THR A 185 -9.82 15.04 -23.99
N LYS A 186 -9.48 15.21 -25.26
CA LYS A 186 -10.42 14.92 -26.34
C LYS A 186 -10.58 13.41 -26.52
N ALA A 187 -9.49 12.66 -26.37
CA ALA A 187 -9.57 11.22 -26.53
C ALA A 187 -10.45 10.58 -25.44
N THR A 188 -10.40 11.15 -24.23
CA THR A 188 -11.21 10.69 -23.09
C THR A 188 -12.66 11.12 -23.27
N ASN A 189 -12.84 12.34 -23.76
CA ASN A 189 -14.16 12.90 -24.03
C ASN A 189 -14.90 11.95 -24.97
N ARG A 190 -14.19 11.40 -25.94
CA ARG A 190 -14.78 10.44 -26.86
C ARG A 190 -14.93 9.04 -26.23
N LEU A 191 -13.87 8.50 -25.64
CA LEU A 191 -13.93 7.13 -25.11
C LEU A 191 -14.93 6.95 -23.96
N HIS A 192 -14.98 7.89 -23.04
CA HIS A 192 -15.85 7.75 -21.88
C HIS A 192 -17.31 8.08 -22.23
N ALA A 193 -17.55 8.52 -23.48
CA ALA A 193 -18.92 8.68 -23.97
C ALA A 193 -19.33 7.48 -24.83
N PHE A 194 -18.55 6.41 -24.80
CA PHE A 194 -18.86 5.21 -25.58
C PHE A 194 -19.33 4.08 -24.69
N LYS A 195 -20.36 3.40 -25.15
CA LYS A 195 -20.85 2.21 -24.49
C LYS A 195 -21.51 1.32 -25.52
N ALA A 196 -20.83 0.25 -25.88
CA ALA A 196 -21.38 -0.77 -26.75
C ALA A 196 -22.46 -1.51 -25.98
N GLN A 197 -23.60 -1.70 -26.60
CA GLN A 197 -24.64 -2.53 -26.00
C GLN A 197 -25.21 -3.48 -27.05
N THR C 5 12.17 -11.52 21.01
CA THR C 5 13.30 -10.61 21.45
C THR C 5 13.12 -9.12 21.05
N ILE C 6 12.73 -8.29 22.01
CA ILE C 6 12.52 -6.85 21.76
C ILE C 6 13.70 -6.04 22.30
N LYS C 7 14.21 -5.11 21.50
CA LYS C 7 15.37 -4.30 21.90
C LYS C 7 15.07 -2.80 22.02
N LEU C 8 13.95 -2.36 21.43
CA LEU C 8 13.55 -0.96 21.44
C LEU C 8 12.06 -0.85 21.66
N ILE C 9 11.67 0.00 22.62
CA ILE C 9 10.26 0.24 22.92
C ILE C 9 9.98 1.73 22.76
N VAL C 10 9.05 2.06 21.87
CA VAL C 10 8.78 3.45 21.51
C VAL C 10 7.39 3.89 21.94
N GLY C 11 7.27 5.08 22.50
CA GLY C 11 5.98 5.66 22.89
C GLY C 11 5.73 6.96 22.13
N LEU C 12 4.69 6.96 21.29
CA LEU C 12 4.47 8.05 20.34
C LEU C 12 3.79 9.26 20.95
N ALA C 13 4.21 10.45 20.50
CA ALA C 13 3.80 11.69 21.12
C ALA C 13 3.94 12.87 20.18
N ASN C 14 3.13 13.90 20.44
CA ASN C 14 3.49 15.25 20.03
C ASN C 14 4.23 15.93 21.17
N PRO C 15 5.08 16.93 20.84
CA PRO C 15 5.87 17.56 21.91
C PRO C 15 5.16 18.73 22.57
N GLY C 16 5.61 19.07 23.78
CA GLY C 16 5.15 20.28 24.45
C GLY C 16 3.97 20.07 25.37
N ALA C 17 3.81 21.00 26.30
CA ALA C 17 2.81 20.93 27.35
C ALA C 17 1.39 20.75 26.82
N GLU C 18 1.06 21.45 25.74
CA GLU C 18 -0.31 21.45 25.23
C GLU C 18 -0.79 20.13 24.58
N TYR C 19 0.12 19.16 24.45
CA TYR C 19 -0.24 17.83 23.89
C TYR C 19 -0.03 16.69 24.88
N ALA C 20 0.62 16.98 26.00
CA ALA C 20 0.95 15.98 27.04
C ALA C 20 -0.27 15.16 27.49
N ALA C 21 -1.41 15.83 27.58
CA ALA C 21 -2.65 15.25 28.10
C ALA C 21 -3.58 14.70 27.01
N THR C 22 -3.14 14.68 25.76
CA THR C 22 -4.01 14.28 24.66
C THR C 22 -3.96 12.78 24.36
N ARG C 23 -5.04 12.28 23.78
CA ARG C 23 -5.18 10.86 23.45
C ARG C 23 -4.05 10.38 22.54
N HIS C 24 -3.62 11.25 21.63
CA HIS C 24 -2.54 10.96 20.69
C HIS C 24 -1.17 10.80 21.38
N ASN C 25 -1.07 11.15 22.66
CA ASN C 25 0.14 10.88 23.45
C ASN C 25 0.10 9.58 24.30
N ALA C 26 -0.92 8.75 24.13
CA ALA C 26 -1.07 7.54 24.95
C ALA C 26 0.14 6.61 24.94
N GLY C 27 0.73 6.41 23.77
CA GLY C 27 1.97 5.66 23.67
C GLY C 27 3.03 6.18 24.61
N ALA C 28 3.19 7.50 24.66
CA ALA C 28 4.14 8.11 25.60
C ALA C 28 3.73 7.92 27.06
N TRP C 29 2.44 8.02 27.36
CA TRP C 29 1.97 7.73 28.72
C TRP C 29 2.52 6.37 29.10
N PHE C 30 2.41 5.42 28.17
CA PHE C 30 2.81 4.04 28.42
C PHE C 30 4.30 3.94 28.73
N VAL C 31 5.13 4.45 27.82
CA VAL C 31 6.59 4.43 28.02
C VAL C 31 7.00 5.20 29.29
N ASP C 32 6.37 6.36 29.53
CA ASP C 32 6.62 7.07 30.79
C ASP C 32 6.34 6.21 32.03
N LEU C 33 5.26 5.45 31.99
CA LEU C 33 4.89 4.61 33.12
C LEU C 33 5.93 3.52 33.27
N LEU C 34 6.28 2.93 32.13
CA LEU C 34 7.24 1.83 32.10
C LEU C 34 8.62 2.26 32.58
N ALA C 35 9.04 3.47 32.22
CA ALA C 35 10.31 4.06 32.70
C ALA C 35 10.33 4.20 34.23
N GLU C 36 9.22 4.64 34.78
CA GLU C 36 9.04 4.73 36.21
C GLU C 36 9.07 3.33 36.87
N ARG C 37 8.31 2.38 36.33
CA ARG C 37 8.22 1.02 36.90
C ARG C 37 9.58 0.36 36.90
N LEU C 38 10.36 0.60 35.85
CA LEU C 38 11.70 0.02 35.73
C LEU C 38 12.79 0.88 36.36
N ARG C 39 12.39 2.00 36.97
CA ARG C 39 13.29 2.92 37.65
C ARG C 39 14.45 3.34 36.74
N ALA C 40 14.09 3.80 35.55
CA ALA C 40 15.02 4.36 34.59
C ALA C 40 14.39 5.60 33.99
N PRO C 41 14.38 6.72 34.74
CA PRO C 41 13.79 7.94 34.18
C PRO C 41 14.43 8.35 32.84
N LEU C 42 13.62 8.90 31.95
CA LEU C 42 14.06 9.22 30.59
C LEU C 42 14.90 10.50 30.51
N ARG C 43 15.88 10.52 29.61
CA ARG C 43 16.71 11.71 29.43
C ARG C 43 16.77 12.12 27.95
N GLU C 44 16.73 13.44 27.69
CA GLU C 44 16.78 13.97 26.32
C GLU C 44 18.11 13.66 25.65
N GLU C 45 18.03 13.19 24.41
CA GLU C 45 19.22 12.87 23.62
C GLU C 45 19.03 13.38 22.20
N ALA C 46 19.55 14.58 21.94
CA ALA C 46 19.27 15.31 20.71
C ALA C 46 19.43 14.50 19.42
N LYS C 47 20.47 13.67 19.35
CA LYS C 47 20.76 12.91 18.13
C LYS C 47 19.76 11.77 17.86
N PHE C 48 19.04 11.35 18.89
CA PHE C 48 17.98 10.37 18.70
C PHE C 48 16.61 11.03 18.59
N PHE C 49 16.57 12.36 18.66
CA PHE C 49 15.33 13.13 18.55
C PHE C 49 14.27 12.63 19.53
N GLY C 50 14.66 12.47 20.79
CA GLY C 50 13.76 12.05 21.85
C GLY C 50 14.38 11.82 23.21
N TYR C 51 13.53 11.43 24.16
CA TYR C 51 13.95 10.97 25.48
C TYR C 51 14.20 9.46 25.46
N THR C 52 15.23 9.01 26.19
CA THR C 52 15.67 7.62 26.17
C THR C 52 16.14 7.13 27.53
N SER C 53 16.02 5.82 27.74
CA SER C 53 16.63 5.14 28.87
C SER C 53 17.12 3.78 28.42
N ARG C 54 18.00 3.19 29.22
CA ARG C 54 18.43 1.83 29.00
C ARG C 54 17.97 1.04 30.22
N VAL C 55 17.34 -0.11 29.96
CA VAL C 55 16.85 -0.97 31.04
C VAL C 55 17.25 -2.42 30.78
N THR C 56 17.19 -3.22 31.83
CA THR C 56 17.45 -4.64 31.72
C THR C 56 16.15 -5.41 31.86
N LEU C 57 15.83 -6.18 30.82
CA LEU C 57 14.60 -6.96 30.73
C LEU C 57 14.93 -8.33 30.13
N GLY C 58 14.56 -9.39 30.84
CA GLY C 58 14.99 -10.75 30.49
C GLY C 58 16.50 -10.84 30.28
N GLY C 59 17.27 -10.19 31.16
CA GLY C 59 18.73 -10.23 31.11
C GLY C 59 19.43 -9.52 29.96
N GLU C 60 18.68 -8.78 29.14
CA GLU C 60 19.24 -8.07 27.97
C GLU C 60 19.01 -6.55 28.01
N ASP C 61 19.87 -5.81 27.31
CA ASP C 61 19.67 -4.37 27.09
C ASP C 61 18.39 -4.12 26.30
N VAL C 62 17.52 -3.28 26.85
CA VAL C 62 16.38 -2.74 26.10
C VAL C 62 16.37 -1.21 26.22
N ARG C 63 16.10 -0.54 25.10
CA ARG C 63 16.01 0.90 25.12
C ARG C 63 14.59 1.42 24.98
N LEU C 64 14.32 2.48 25.74
CA LEU C 64 13.03 3.18 25.75
C LEU C 64 13.16 4.50 24.99
N LEU C 65 12.22 4.79 24.11
CA LEU C 65 12.21 6.05 23.34
C LEU C 65 10.84 6.73 23.32
N VAL C 66 10.81 7.99 23.73
CA VAL C 66 9.69 8.87 23.43
C VAL C 66 10.23 9.97 22.54
N PRO C 67 9.90 9.94 21.24
CA PRO C 67 10.34 11.01 20.32
C PRO C 67 9.91 12.38 20.79
N THR C 68 10.69 13.40 20.44
CA THR C 68 10.35 14.78 20.73
C THR C 68 10.04 15.49 19.43
N THR C 69 10.08 14.74 18.33
CA THR C 69 9.65 15.25 17.03
C THR C 69 8.14 15.45 17.12
N PHE C 70 7.56 16.11 16.13
CA PHE C 70 6.11 16.05 15.99
C PHE C 70 5.72 14.62 15.64
N MET C 71 4.46 14.27 15.87
CA MET C 71 4.00 12.91 15.64
C MET C 71 4.38 12.41 14.23
N ASN C 72 4.18 13.25 13.22
CA ASN C 72 4.40 12.81 11.85
C ASN C 72 5.87 12.65 11.46
N LEU C 73 6.78 12.90 12.40
CA LEU C 73 8.20 12.68 12.15
C LEU C 73 8.83 11.70 13.14
N SER C 74 7.98 10.87 13.74
CA SER C 74 8.40 9.86 14.70
C SER C 74 9.43 8.89 14.12
N GLY C 75 9.31 8.64 12.82
CA GLY C 75 10.24 7.78 12.10
C GLY C 75 11.69 8.21 12.22
N LYS C 76 11.94 9.51 12.13
CA LYS C 76 13.30 10.03 12.24
C LYS C 76 13.91 9.59 13.59
N ALA C 77 13.12 9.63 14.65
CA ALA C 77 13.58 9.18 15.96
C ALA C 77 13.78 7.67 16.03
N VAL C 78 12.78 6.93 15.57
CA VAL C 78 12.86 5.46 15.53
C VAL C 78 14.03 4.98 14.65
N ALA C 79 14.10 5.48 13.42
CA ALA C 79 15.20 5.15 12.49
C ALA C 79 16.57 5.46 13.07
N ALA C 80 16.70 6.59 13.75
CA ALA C 80 17.99 6.98 14.33
C ALA C 80 18.47 6.00 15.40
N MET C 81 17.59 5.61 16.32
CA MET C 81 17.97 4.70 17.40
C MET C 81 18.20 3.29 16.89
N ALA C 82 17.31 2.84 16.00
CA ALA C 82 17.40 1.50 15.42
C ALA C 82 18.70 1.36 14.64
N SER C 83 19.00 2.38 13.85
CA SER C 83 20.23 2.45 13.06
C SER C 83 21.47 2.39 13.96
N PHE C 84 21.53 3.29 14.94
CA PHE C 84 22.70 3.36 15.84
C PHE C 84 22.94 2.04 16.56
N PHE C 85 21.86 1.43 17.05
CA PHE C 85 21.97 0.18 17.82
C PHE C 85 21.87 -1.11 17.03
N ARG C 86 21.70 -0.99 15.71
CA ARG C 86 21.57 -2.14 14.79
C ARG C 86 20.38 -3.02 15.19
N ILE C 87 19.22 -2.39 15.34
CA ILE C 87 18.00 -3.05 15.75
C ILE C 87 17.13 -3.26 14.51
N ASN C 88 16.66 -4.49 14.33
CA ASN C 88 15.79 -4.82 13.21
C ASN C 88 14.33 -4.41 13.50
N PRO C 89 13.53 -4.18 12.43
CA PRO C 89 12.13 -3.81 12.65
C PRO C 89 11.37 -4.75 13.58
N ASP C 90 11.54 -6.07 13.43
CA ASP C 90 10.81 -7.01 14.33
C ASP C 90 11.28 -7.04 15.79
N GLU C 91 12.27 -6.22 16.13
CA GLU C 91 12.77 -6.09 17.49
C GLU C 91 12.29 -4.79 18.09
N ILE C 92 11.40 -4.12 17.38
CA ILE C 92 10.87 -2.85 17.85
C ILE C 92 9.42 -3.00 18.28
N LEU C 93 9.08 -2.38 19.39
CA LEU C 93 7.71 -2.35 19.88
C LEU C 93 7.31 -0.89 19.95
N VAL C 94 6.25 -0.54 19.22
CA VAL C 94 5.76 0.83 19.19
C VAL C 94 4.40 0.88 19.88
N ALA C 95 4.33 1.67 20.95
CA ALA C 95 3.09 1.87 21.69
C ALA C 95 2.42 3.11 21.16
N HIS C 96 1.13 3.03 20.88
CA HIS C 96 0.43 4.17 20.30
C HIS C 96 -1.06 4.11 20.62
N ASP C 97 -1.74 5.25 20.51
CA ASP C 97 -3.18 5.31 20.64
C ASP C 97 -3.84 4.59 19.47
N GLU C 98 -4.93 3.87 19.77
CA GLU C 98 -5.67 3.09 18.79
C GLU C 98 -7.15 3.45 18.82
N LEU C 99 -7.66 3.99 17.71
CA LEU C 99 -9.07 4.38 17.60
C LEU C 99 -10.06 3.20 17.60
N ASP C 100 -9.61 2.03 17.15
CA ASP C 100 -10.53 0.91 16.95
C ASP C 100 -10.71 0.01 18.19
N LEU C 101 -10.17 0.45 19.33
CA LEU C 101 -10.34 -0.26 20.59
C LEU C 101 -10.82 0.75 21.63
N PRO C 102 -11.71 0.33 22.54
CA PRO C 102 -12.24 1.31 23.49
C PRO C 102 -11.23 1.65 24.58
N PRO C 103 -11.40 2.81 25.26
CA PRO C 103 -10.61 3.08 26.44
C PRO C 103 -10.69 1.87 27.39
N GLY C 104 -9.53 1.45 27.93
CA GLY C 104 -9.50 0.36 28.89
C GLY C 104 -9.13 -0.99 28.28
N VAL C 105 -8.82 -0.97 26.99
CA VAL C 105 -8.39 -2.16 26.29
C VAL C 105 -7.03 -1.85 25.65
N ALA C 106 -6.14 -2.83 25.63
CA ALA C 106 -4.91 -2.70 24.85
C ALA C 106 -4.54 -4.05 24.26
N LYS C 107 -3.95 -4.03 23.07
CA LYS C 107 -3.59 -5.29 22.41
C LYS C 107 -2.19 -5.23 21.80
N PHE C 108 -1.55 -6.41 21.75
CA PHE C 108 -0.33 -6.58 20.97
C PHE C 108 -0.67 -6.87 19.51
N LYS C 109 0.24 -6.53 18.61
CA LYS C 109 0.08 -6.76 17.17
C LYS C 109 1.46 -6.80 16.55
N LEU C 110 1.67 -7.75 15.63
CA LEU C 110 2.89 -7.75 14.81
C LEU C 110 2.53 -7.40 13.35
N GLY C 111 3.21 -6.39 12.80
CA GLY C 111 2.99 -5.99 11.40
C GLY C 111 1.64 -5.36 11.08
N GLY C 112 1.36 -5.16 9.80
CA GLY C 112 0.04 -4.70 9.37
C GLY C 112 -0.07 -3.20 9.19
N GLY C 113 -1.30 -2.70 9.19
CA GLY C 113 -1.58 -1.34 8.81
C GLY C 113 -1.34 -0.30 9.89
N HIS C 114 -1.45 0.97 9.47
CA HIS C 114 -1.26 2.10 10.38
C HIS C 114 -2.59 2.66 10.83
N GLY C 115 -3.66 2.30 10.11
CA GLY C 115 -5.00 2.79 10.39
C GLY C 115 -5.18 4.29 10.28
N GLY C 116 -4.34 4.95 9.49
CA GLY C 116 -4.35 6.40 9.38
C GLY C 116 -3.54 7.14 10.44
N HIS C 117 -2.91 6.40 11.34
CA HIS C 117 -2.09 7.00 12.41
C HIS C 117 -0.84 7.64 11.82
N ASN C 118 -0.74 8.96 11.91
CA ASN C 118 0.35 9.69 11.23
C ASN C 118 1.76 9.33 11.73
N GLY C 119 1.85 8.94 13.00
CA GLY C 119 3.10 8.50 13.60
C GLY C 119 3.54 7.14 13.10
N LEU C 120 2.60 6.19 13.03
CA LEU C 120 2.90 4.85 12.52
C LEU C 120 3.26 4.91 11.04
N LYS C 121 2.53 5.74 10.29
CA LYS C 121 2.81 5.96 8.87
C LYS C 121 4.28 6.31 8.65
N ASP C 122 4.75 7.28 9.45
CA ASP C 122 6.10 7.79 9.30
C ASP C 122 7.13 6.77 9.69
N ILE C 123 6.85 6.02 10.75
CA ILE C 123 7.75 4.96 11.17
C ILE C 123 7.89 3.92 10.06
N ILE C 124 6.78 3.48 9.49
CA ILE C 124 6.78 2.54 8.37
C ILE C 124 7.64 3.06 7.21
N SER C 125 7.51 4.35 6.93
CA SER C 125 8.26 4.99 5.86
C SER C 125 9.76 5.05 6.17
N LYS C 126 10.11 5.54 7.36
CA LYS C 126 11.53 5.78 7.71
C LYS C 126 12.29 4.48 8.06
N LEU C 127 11.55 3.39 8.23
CA LEU C 127 12.14 2.06 8.40
C LEU C 127 12.35 1.36 7.04
N GLY C 128 11.98 2.07 5.98
CA GLY C 128 12.15 1.59 4.60
C GLY C 128 10.91 0.95 4.01
N ASN C 129 9.76 1.62 4.19
CA ASN C 129 8.44 1.06 3.87
C ASN C 129 8.27 -0.35 4.47
N ASN C 130 8.61 -0.46 5.75
CA ASN C 130 8.54 -1.72 6.47
C ASN C 130 7.61 -1.65 7.70
N PRO C 131 6.45 -2.32 7.63
CA PRO C 131 5.49 -2.30 8.74
C PRO C 131 5.67 -3.45 9.74
N ASN C 132 6.66 -4.29 9.52
CA ASN C 132 6.84 -5.48 10.35
C ASN C 132 7.56 -5.21 11.66
N PHE C 133 6.99 -4.30 12.44
CA PHE C 133 7.43 -4.09 13.80
C PHE C 133 6.28 -4.41 14.73
N HIS C 134 6.56 -4.68 16.00
CA HIS C 134 5.52 -5.01 16.97
C HIS C 134 4.80 -3.72 17.43
N ARG C 135 3.56 -3.85 17.86
CA ARG C 135 2.83 -2.66 18.36
C ARG C 135 2.06 -2.98 19.62
N LEU C 136 1.87 -1.94 20.43
CA LEU C 136 0.99 -2.01 21.56
C LEU C 136 -0.09 -1.00 21.28
N ARG C 137 -1.30 -1.49 21.04
CA ARG C 137 -2.41 -0.64 20.64
C ARG C 137 -3.22 -0.30 21.87
N ILE C 138 -3.18 0.97 22.24
CA ILE C 138 -3.85 1.43 23.45
C ILE C 138 -5.14 2.09 23.04
N GLY C 139 -6.25 1.49 23.46
CA GLY C 139 -7.55 1.93 23.01
C GLY C 139 -7.90 3.32 23.51
N ILE C 140 -8.37 4.16 22.61
CA ILE C 140 -8.89 5.46 22.98
C ILE C 140 -10.34 5.68 22.53
N GLY C 141 -10.93 4.67 21.88
CA GLY C 141 -12.26 4.82 21.31
C GLY C 141 -12.21 5.72 20.09
N HIS C 142 -13.35 5.93 19.46
CA HIS C 142 -13.43 6.70 18.23
C HIS C 142 -14.46 7.82 18.42
N PRO C 143 -14.34 8.94 17.68
CA PRO C 143 -15.33 10.01 17.81
C PRO C 143 -16.64 9.70 17.11
N GLY C 144 -17.70 10.39 17.54
CA GLY C 144 -19.01 10.35 16.89
C GLY C 144 -18.96 10.49 15.37
N ASP C 145 -18.30 11.53 14.89
CA ASP C 145 -18.20 11.81 13.46
C ASP C 145 -16.77 11.63 12.96
N LYS C 146 -16.59 10.83 11.91
CA LYS C 146 -15.25 10.50 11.40
C LYS C 146 -14.48 11.71 10.85
N ASN C 147 -15.20 12.80 10.56
CA ASN C 147 -14.58 14.03 10.10
C ASN C 147 -13.78 14.73 11.21
N LYS C 148 -14.20 14.53 12.47
CA LYS C 148 -13.56 15.17 13.63
C LYS C 148 -12.57 14.28 14.37
N VAL C 149 -11.90 13.40 13.63
CA VAL C 149 -10.87 12.53 14.18
C VAL C 149 -9.63 13.30 14.68
N VAL C 150 -9.16 14.25 13.89
CA VAL C 150 -8.02 15.08 14.29
C VAL C 150 -8.30 15.80 15.61
N GLY C 151 -9.47 16.43 15.71
CA GLY C 151 -9.91 17.07 16.95
C GLY C 151 -9.94 16.09 18.10
N PHE C 152 -10.43 14.88 17.84
CA PHE C 152 -10.54 13.83 18.83
C PHE C 152 -9.18 13.39 19.39
N VAL C 153 -8.24 13.03 18.53
CA VAL C 153 -6.95 12.53 19.01
C VAL C 153 -6.11 13.63 19.65
N LEU C 154 -6.27 14.86 19.16
CA LEU C 154 -5.57 16.02 19.74
C LEU C 154 -6.38 16.61 20.88
N GLY C 155 -7.38 15.85 21.34
CA GLY C 155 -8.20 16.22 22.47
C GLY C 155 -7.81 15.50 23.75
N LYS C 156 -8.11 16.15 24.88
CA LYS C 156 -7.90 15.63 26.21
C LYS C 156 -9.10 14.75 26.59
N PRO C 157 -8.85 13.47 26.92
CA PRO C 157 -10.01 12.62 27.22
C PRO C 157 -10.69 13.04 28.52
N PRO C 158 -12.02 12.86 28.60
CA PRO C 158 -12.67 13.15 29.88
C PRO C 158 -12.20 12.17 30.94
N VAL C 159 -12.26 12.59 32.19
CA VAL C 159 -11.79 11.81 33.32
C VAL C 159 -12.14 10.31 33.18
N SER C 160 -13.43 10.02 32.95
CA SER C 160 -13.89 8.64 32.87
C SER C 160 -13.13 7.79 31.86
N GLU C 161 -12.76 8.37 30.72
CA GLU C 161 -11.99 7.65 29.69
C GLU C 161 -10.51 7.58 30.05
N GLN C 162 -9.98 8.67 30.57
CA GLN C 162 -8.59 8.70 31.02
C GLN C 162 -8.30 7.58 32.03
N LYS C 163 -9.20 7.40 32.99
CA LYS C 163 -8.99 6.34 34.00
C LYS C 163 -8.90 4.97 33.35
N LEU C 164 -9.79 4.69 32.40
CA LEU C 164 -9.75 3.43 31.69
C LEU C 164 -8.44 3.27 30.89
N ILE C 165 -8.03 4.31 30.18
CA ILE C 165 -6.75 4.28 29.45
C ILE C 165 -5.58 4.00 30.40
N ASP C 166 -5.57 4.66 31.56
CA ASP C 166 -4.52 4.42 32.54
C ASP C 166 -4.50 3.01 33.15
N GLU C 167 -5.66 2.42 33.34
CA GLU C 167 -5.74 1.04 33.77
C GLU C 167 -5.22 0.09 32.70
N ALA C 168 -5.59 0.32 31.43
CA ALA C 168 -5.07 -0.51 30.35
C ALA C 168 -3.56 -0.42 30.25
N ILE C 169 -3.04 0.80 30.34
CA ILE C 169 -1.60 1.04 30.25
C ILE C 169 -0.85 0.37 31.40
N ASP C 170 -1.44 0.46 32.59
CA ASP C 170 -0.94 -0.21 33.78
C ASP C 170 -0.79 -1.71 33.53
N GLU C 171 -1.84 -2.33 32.98
CA GLU C 171 -1.83 -3.75 32.69
C GLU C 171 -0.88 -4.06 31.52
N ALA C 172 -0.83 -3.19 30.52
CA ALA C 172 0.07 -3.37 29.38
C ALA C 172 1.55 -3.30 29.79
N ALA C 173 1.89 -2.37 30.67
CA ALA C 173 3.22 -2.32 31.28
C ALA C 173 3.63 -3.67 31.92
N ARG C 174 2.76 -4.19 32.79
CA ARG C 174 2.99 -5.49 33.42
C ARG C 174 3.12 -6.63 32.41
N CYS C 175 2.28 -6.61 31.39
CA CYS C 175 2.32 -7.65 30.36
C CYS C 175 3.56 -7.53 29.48
N THR C 176 4.02 -6.30 29.30
CA THR C 176 5.26 -6.05 28.55
C THR C 176 6.45 -6.65 29.29
N GLU C 177 6.51 -6.47 30.61
CA GLU C 177 7.51 -7.11 31.45
C GLU C 177 7.38 -8.63 31.35
N MET C 178 6.15 -9.13 31.36
CA MET C 178 5.91 -10.57 31.31
C MET C 178 6.40 -11.18 30.00
N TRP C 179 6.28 -10.41 28.92
CA TRP C 179 6.79 -10.78 27.60
C TRP C 179 8.28 -11.16 27.67
N PHE C 180 9.02 -10.37 28.42
CA PHE C 180 10.44 -10.63 28.59
C PHE C 180 10.80 -11.84 29.45
N THR C 181 10.02 -12.13 30.49
CA THR C 181 10.38 -13.21 31.42
C THR C 181 9.67 -14.52 31.11
N ASP C 182 8.56 -14.47 30.37
CA ASP C 182 7.74 -15.65 30.11
C ASP C 182 7.34 -15.80 28.63
N GLY C 183 7.64 -14.80 27.80
CA GLY C 183 7.36 -14.89 26.36
C GLY C 183 6.04 -14.24 25.95
N LEU C 184 5.93 -13.92 24.66
CA LEU C 184 4.80 -13.19 24.10
C LEU C 184 3.45 -13.91 24.20
N THR C 185 3.47 -15.23 24.11
CA THR C 185 2.22 -15.99 24.15
C THR C 185 1.51 -15.80 25.48
N LYS C 186 2.27 -15.90 26.57
CA LYS C 186 1.74 -15.76 27.92
C LYS C 186 1.38 -14.28 28.14
N ALA C 187 2.22 -13.39 27.66
CA ALA C 187 1.97 -11.97 27.86
C ALA C 187 0.68 -11.51 27.15
N THR C 188 0.40 -12.10 25.99
CA THR C 188 -0.79 -11.78 25.20
C THR C 188 -2.00 -12.44 25.82
N ASN C 189 -1.79 -13.67 26.31
CA ASN C 189 -2.81 -14.46 26.98
C ASN C 189 -3.39 -13.66 28.13
N ARG C 190 -2.53 -12.91 28.82
CA ARG C 190 -2.95 -12.05 29.92
C ARG C 190 -3.55 -10.70 29.42
N LEU C 191 -2.90 -10.03 28.48
CA LEU C 191 -3.35 -8.68 28.10
C LEU C 191 -4.69 -8.66 27.35
N HIS C 192 -4.89 -9.64 26.47
CA HIS C 192 -6.10 -9.72 25.66
C HIS C 192 -7.24 -10.34 26.46
N ALA C 193 -6.99 -10.67 27.72
CA ALA C 193 -8.08 -11.07 28.63
C ALA C 193 -8.36 -9.95 29.63
N PHE C 194 -7.82 -8.77 29.36
CA PHE C 194 -8.05 -7.62 30.22
C PHE C 194 -8.98 -6.61 29.56
N LYS C 195 -9.90 -6.10 30.35
CA LYS C 195 -10.81 -5.05 29.91
C LYS C 195 -11.21 -4.27 31.14
N ALA C 196 -10.75 -3.02 31.22
CA ALA C 196 -11.13 -2.15 32.32
C ALA C 196 -12.50 -1.58 32.03
N GLN C 197 -13.35 -1.61 33.05
CA GLN C 197 -14.67 -0.98 32.98
C GLN C 197 -14.95 -0.29 34.32
#